data_2HES
#
_entry.id   2HES
#
_cell.length_a   35.211
_cell.length_b   70.026
_cell.length_c   130.366
_cell.angle_alpha   90.000
_cell.angle_beta   90.000
_cell.angle_gamma   90.000
#
_symmetry.space_group_name_H-M   'P 21 21 21'
#
loop_
_entity.id
_entity.type
_entity.pdbx_description
1 polymer Ydr267cp
2 non-polymer 'CALCIUM ION'
3 water water
#
_entity_poly.entity_id   1
_entity_poly.type   'polypeptide(L)'
_entity_poly.pdbx_seq_one_letter_code
;MASINLIKSLKLYKEKIWSFDFSQGILATGSTDRKIKLVSVKYDDFTLIDVLDETAHKKAIRSVAWRPHTSLLAAGSFDS
TVSIWAKEESADRTFEMDLLAIIEGHENEVKGVAWSNDGYYLATCSRDKSVWIWETDESGEEYECISVLQEHSQDVKHVI
WHPSEALLASSSYDDTVRIWKDYDDDWECVAVLNGHEGTVWSSDFDKTEGVFRLCSGSDDSTVRVWKYMGDDEDDQQEWV
CEAILPDVHKRQVYNVAWGFNGLIASVGADGVLAVYEEVDGEWKVFAKRALCHGVYEINVVKWLELNGKTILATGGDDGI
VNFWSLEKAA
;
_entity_poly.pdbx_strand_id   X
#
# COMPACT_ATOMS: atom_id res chain seq x y z
N SER A 3 4.40 24.01 -2.49
CA SER A 3 3.03 24.03 -3.14
C SER A 3 2.63 22.71 -3.81
N ILE A 4 1.38 22.30 -3.61
CA ILE A 4 0.82 21.11 -4.25
C ILE A 4 -0.17 21.53 -5.35
N ASN A 5 0.24 21.33 -6.59
CA ASN A 5 -0.56 21.78 -7.75
C ASN A 5 -1.25 20.63 -8.48
N LEU A 6 -2.54 20.77 -8.73
CA LEU A 6 -3.27 19.79 -9.52
C LEU A 6 -2.81 19.84 -10.98
N ILE A 7 -2.24 18.75 -11.47
CA ILE A 7 -1.87 18.71 -12.87
C ILE A 7 -2.95 18.07 -13.73
N LYS A 8 -3.69 17.10 -13.17
CA LYS A 8 -4.80 16.45 -13.86
C LYS A 8 -5.77 15.67 -12.96
N SER A 9 -7.08 15.84 -13.19
CA SER A 9 -8.12 15.13 -12.42
C SER A 9 -8.93 14.11 -13.23
N LEU A 10 -8.84 12.84 -12.83
CA LEU A 10 -9.40 11.80 -13.67
C LEU A 10 -10.51 11.01 -13.00
N LYS A 11 -11.75 11.21 -13.44
CA LYS A 11 -12.83 10.44 -12.86
C LYS A 11 -12.94 9.08 -13.53
N LEU A 12 -12.89 8.03 -12.72
CA LEU A 12 -12.89 6.64 -13.17
C LEU A 12 -14.10 5.81 -12.80
N TYR A 13 -14.65 6.02 -11.61
CA TYR A 13 -15.82 5.29 -11.13
C TYR A 13 -16.76 6.30 -10.49
N LYS A 14 -17.93 5.81 -10.10
CA LYS A 14 -18.86 6.59 -9.27
C LYS A 14 -18.83 6.11 -7.81
N GLU A 15 -18.00 5.10 -7.52
CA GLU A 15 -17.86 4.49 -6.20
C GLU A 15 -16.44 4.76 -5.68
N LYS A 16 -16.19 4.49 -4.40
CA LYS A 16 -14.86 4.69 -3.77
C LYS A 16 -13.69 4.12 -4.60
N ILE A 17 -12.56 4.81 -4.60
CA ILE A 17 -11.32 4.15 -5.04
C ILE A 17 -10.59 3.74 -3.79
N TRP A 18 -10.28 2.45 -3.68
CA TRP A 18 -9.62 1.90 -2.50
C TRP A 18 -8.15 1.72 -2.67
N SER A 19 -7.70 1.44 -3.89
CA SER A 19 -6.33 0.99 -4.12
C SER A 19 -5.86 1.38 -5.50
N PHE A 20 -4.57 1.65 -5.61
CA PHE A 20 -3.94 1.77 -6.92
C PHE A 20 -2.46 1.49 -6.87
N ASP A 21 -1.87 1.17 -8.02
CA ASP A 21 -0.45 0.85 -8.04
C ASP A 21 0.06 1.15 -9.41
N PHE A 22 1.32 1.58 -9.49
CA PHE A 22 1.99 2.07 -10.73
C PHE A 22 3.20 1.24 -11.09
N SER A 23 3.27 0.77 -12.34
CA SER A 23 4.45 0.08 -12.84
C SER A 23 4.50 0.31 -14.32
N GLN A 24 5.69 0.63 -14.84
CA GLN A 24 5.94 0.64 -16.29
C GLN A 24 4.98 1.61 -16.99
N GLY A 25 4.81 2.77 -16.37
CA GLY A 25 3.94 3.82 -16.92
C GLY A 25 2.46 3.53 -16.86
N ILE A 26 2.03 2.54 -16.08
CA ILE A 26 0.61 2.22 -16.00
C ILE A 26 0.09 2.19 -14.55
N LEU A 27 -0.98 2.94 -14.27
CA LEU A 27 -1.65 2.89 -12.96
C LEU A 27 -2.83 1.91 -13.01
N ALA A 28 -2.81 0.86 -12.18
CA ALA A 28 -3.97 -0.03 -11.98
C ALA A 28 -4.81 0.50 -10.80
N THR A 29 -6.14 0.47 -10.88
CA THR A 29 -7.02 0.93 -9.77
C THR A 29 -8.11 -0.06 -9.33
N GLY A 30 -8.58 0.03 -8.08
CA GLY A 30 -9.61 -0.83 -7.55
C GLY A 30 -10.65 0.01 -6.82
N SER A 31 -11.91 -0.41 -6.92
CA SER A 31 -13.05 0.32 -6.39
C SER A 31 -14.11 -0.65 -5.84
N THR A 32 -15.23 -0.15 -5.31
CA THR A 32 -16.30 -1.01 -4.82
C THR A 32 -16.82 -1.89 -5.96
N ASP A 33 -16.49 -1.49 -7.19
CA ASP A 33 -16.72 -2.26 -8.41
C ASP A 33 -15.98 -3.60 -8.57
N ARG A 34 -16.58 -4.49 -9.35
CA ARG A 34 -15.92 -5.70 -9.82
C ARG A 34 -14.71 -5.32 -10.63
N LYS A 35 -14.83 -4.25 -11.41
CA LYS A 35 -13.92 -3.96 -12.50
C LYS A 35 -12.64 -3.19 -12.15
N ILE A 36 -11.52 -3.69 -12.67
CA ILE A 36 -10.20 -3.07 -12.55
C ILE A 36 -9.81 -2.17 -13.75
N LYS A 37 -9.46 -0.91 -13.48
CA LYS A 37 -9.17 0.03 -14.56
C LYS A 37 -7.69 0.46 -14.65
N LEU A 38 -7.19 0.48 -15.88
CA LEU A 38 -5.79 0.73 -16.13
C LEU A 38 -5.65 2.06 -16.85
N VAL A 39 -4.71 2.87 -16.35
CA VAL A 39 -4.48 4.23 -16.82
C VAL A 39 -3.03 4.46 -17.26
N SER A 40 -2.87 4.96 -18.47
CA SER A 40 -1.56 5.35 -18.98
C SER A 40 -1.21 6.71 -18.39
N VAL A 41 0.03 6.86 -17.91
CA VAL A 41 0.46 8.02 -17.12
C VAL A 41 1.88 8.50 -17.44
N LYS A 42 2.03 9.79 -17.76
CA LYS A 42 3.32 10.35 -18.22
C LYS A 42 3.60 11.83 -17.87
N TYR A 43 2.55 12.61 -17.61
CA TYR A 43 2.66 14.08 -17.49
C TYR A 43 2.32 14.78 -18.81
N ASP A 44 2.03 13.96 -19.83
CA ASP A 44 1.15 14.39 -20.90
C ASP A 44 -0.20 14.57 -20.19
N ASP A 45 -0.84 13.51 -19.67
CA ASP A 45 -0.66 12.11 -20.05
C ASP A 45 -2.01 11.77 -20.66
N PHE A 46 -3.05 11.31 -19.93
CA PHE A 46 -3.12 10.61 -18.63
C PHE A 46 -4.43 9.86 -18.92
N THR A 47 -4.38 8.63 -19.42
CA THR A 47 -5.61 8.04 -20.03
C THR A 47 -5.97 6.58 -19.75
N LEU A 48 -7.28 6.29 -19.70
CA LEU A 48 -7.85 4.94 -19.60
C LEU A 48 -7.30 4.08 -20.72
N ILE A 49 -6.89 2.86 -20.41
CA ILE A 49 -6.46 1.95 -21.47
C ILE A 49 -7.15 0.60 -21.43
N ASP A 50 -7.67 0.18 -20.27
CA ASP A 50 -8.35 -1.11 -20.21
C ASP A 50 -9.24 -1.25 -18.99
N VAL A 51 -10.25 -2.12 -19.12
CA VAL A 51 -11.15 -2.46 -18.04
C VAL A 51 -11.16 -3.98 -17.88
N LEU A 52 -10.73 -4.45 -16.70
CA LEU A 52 -10.62 -5.89 -16.41
C LEU A 52 -11.81 -6.42 -15.62
N ASP A 53 -12.51 -7.42 -16.16
CA ASP A 53 -13.74 -7.88 -15.52
C ASP A 53 -13.99 -9.41 -15.56
N GLU A 54 -14.71 -9.85 -16.59
CA GLU A 54 -15.11 -11.25 -16.76
C GLU A 54 -15.71 -11.91 -15.53
N THR A 55 -16.46 -11.13 -14.76
CA THR A 55 -17.13 -11.61 -13.54
C THR A 55 -16.19 -12.50 -12.69
N ALA A 56 -14.97 -12.00 -12.52
CA ALA A 56 -13.95 -12.71 -11.75
C ALA A 56 -13.93 -12.53 -10.22
N HIS A 57 -14.17 -11.36 -9.62
CA HIS A 57 -15.13 -10.32 -9.93
C HIS A 57 -16.45 -10.75 -9.29
N LYS A 58 -16.58 -10.47 -7.98
CA LYS A 58 -17.78 -10.75 -7.20
C LYS A 58 -18.15 -9.67 -6.21
N LYS A 59 -17.14 -9.00 -5.65
CA LYS A 59 -17.32 -7.90 -4.71
C LYS A 59 -16.17 -6.90 -4.89
N ALA A 60 -16.18 -5.85 -4.07
CA ALA A 60 -15.20 -4.79 -4.07
C ALA A 60 -13.73 -5.27 -4.20
N ILE A 61 -12.99 -4.58 -5.07
CA ILE A 61 -11.55 -4.80 -5.29
C ILE A 61 -10.82 -3.88 -4.34
N ARG A 62 -10.35 -4.46 -3.24
CA ARG A 62 -9.85 -3.70 -2.12
C ARG A 62 -8.38 -3.37 -2.31
N SER A 63 -7.71 -4.14 -3.17
CA SER A 63 -6.25 -4.02 -3.35
C SER A 63 -5.75 -4.52 -4.70
N VAL A 64 -4.88 -3.74 -5.31
CA VAL A 64 -4.25 -4.16 -6.58
C VAL A 64 -2.76 -3.89 -6.46
N ALA A 65 -1.95 -4.78 -7.02
CA ALA A 65 -0.51 -4.52 -7.03
C ALA A 65 0.16 -5.21 -8.21
N TRP A 66 1.10 -4.48 -8.82
CA TRP A 66 1.90 -4.97 -9.92
C TRP A 66 3.07 -5.81 -9.40
N ARG A 67 3.34 -6.91 -10.08
CA ARG A 67 4.59 -7.61 -9.81
C ARG A 67 5.73 -6.68 -10.29
N PRO A 68 6.61 -6.24 -9.37
CA PRO A 68 7.47 -5.05 -9.65
C PRO A 68 8.26 -5.05 -10.97
N HIS A 69 8.41 -3.85 -11.56
CA HIS A 69 9.07 -3.63 -12.85
C HIS A 69 8.58 -4.53 -14.00
N THR A 70 7.36 -5.06 -13.85
CA THR A 70 6.75 -5.96 -14.83
C THR A 70 5.34 -5.47 -15.19
N SER A 71 4.67 -6.22 -16.07
CA SER A 71 3.26 -5.97 -16.38
C SER A 71 2.30 -7.12 -16.04
N LEU A 72 2.61 -7.86 -14.96
CA LEU A 72 1.69 -8.80 -14.36
C LEU A 72 1.05 -8.18 -13.12
N LEU A 73 -0.26 -8.39 -12.95
CA LEU A 73 -1.04 -7.69 -11.89
C LEU A 73 -1.82 -8.64 -10.99
N ALA A 74 -1.82 -8.35 -9.69
CA ALA A 74 -2.65 -9.08 -8.73
C ALA A 74 -3.76 -8.17 -8.19
N ALA A 75 -4.94 -8.76 -7.96
CA ALA A 75 -6.11 -8.05 -7.40
C ALA A 75 -6.85 -8.85 -6.32
N GLY A 76 -6.93 -8.27 -5.11
CA GLY A 76 -7.60 -8.89 -3.96
C GLY A 76 -8.95 -8.26 -3.65
N SER A 77 -9.88 -9.08 -3.20
CA SER A 77 -11.28 -8.70 -3.18
C SER A 77 -11.95 -9.00 -1.86
N PHE A 78 -12.96 -8.18 -1.56
CA PHE A 78 -13.88 -8.46 -0.46
C PHE A 78 -14.51 -9.85 -0.61
N ASP A 79 -14.39 -10.40 -1.83
CA ASP A 79 -14.76 -11.78 -2.18
C ASP A 79 -14.14 -12.89 -1.33
N SER A 80 -12.98 -12.59 -0.74
CA SER A 80 -12.05 -13.58 -0.16
C SER A 80 -11.07 -14.13 -1.20
N THR A 81 -11.22 -13.74 -2.47
CA THR A 81 -10.34 -14.22 -3.57
C THR A 81 -9.29 -13.19 -4.05
N VAL A 82 -8.32 -13.66 -4.84
CA VAL A 82 -7.25 -12.81 -5.43
C VAL A 82 -7.01 -13.24 -6.88
N SER A 83 -7.16 -12.32 -7.84
CA SER A 83 -6.97 -12.62 -9.27
C SER A 83 -5.60 -12.17 -9.85
N ILE A 84 -5.13 -12.83 -10.91
CA ILE A 84 -3.83 -12.51 -11.57
C ILE A 84 -3.91 -12.22 -13.09
N TRP A 85 -3.43 -11.06 -13.53
CA TRP A 85 -3.49 -10.65 -14.96
C TRP A 85 -2.12 -10.36 -15.61
N ALA A 86 -1.99 -10.60 -16.91
CA ALA A 86 -0.71 -10.38 -17.61
C ALA A 86 -0.86 -9.75 -18.98
N LYS A 87 0.08 -8.88 -19.34
CA LYS A 87 0.17 -8.22 -20.65
C LYS A 87 1.24 -7.13 -20.72
N PHE A 95 -2.51 -1.72 -24.46
CA PHE A 95 -2.79 -2.93 -25.21
C PHE A 95 -4.03 -3.63 -24.62
N GLU A 96 -3.81 -4.77 -23.98
CA GLU A 96 -4.87 -5.62 -23.42
C GLU A 96 -4.27 -6.41 -22.29
N MET A 97 -5.10 -6.82 -21.33
CA MET A 97 -4.67 -7.71 -20.25
C MET A 97 -5.52 -8.98 -20.17
N ASP A 98 -4.82 -10.12 -20.19
CA ASP A 98 -5.41 -11.44 -20.08
C ASP A 98 -5.33 -11.97 -18.66
N LEU A 99 -6.44 -12.53 -18.18
CA LEU A 99 -6.52 -13.20 -16.88
C LEU A 99 -5.57 -14.39 -16.84
N LEU A 100 -5.23 -14.86 -15.64
CA LEU A 100 -4.33 -16.01 -15.48
C LEU A 100 -4.72 -16.99 -14.36
N ALA A 101 -5.12 -16.48 -13.19
CA ALA A 101 -5.44 -17.39 -12.08
C ALA A 101 -6.34 -16.76 -11.03
N ILE A 102 -6.94 -17.61 -10.21
CA ILE A 102 -7.64 -17.17 -9.01
C ILE A 102 -6.97 -17.90 -7.86
N ILE A 103 -6.68 -17.17 -6.80
CA ILE A 103 -6.01 -17.75 -5.67
C ILE A 103 -6.98 -17.72 -4.50
N GLU A 104 -7.02 -18.81 -3.73
CA GLU A 104 -7.94 -18.88 -2.60
C GLU A 104 -7.25 -19.42 -1.36
N GLU A 109 -12.91 -11.43 3.82
CA GLU A 109 -12.51 -10.36 2.94
C GLU A 109 -11.00 -10.25 2.83
N VAL A 110 -10.48 -10.24 1.61
CA VAL A 110 -9.06 -9.92 1.36
C VAL A 110 -8.94 -8.40 1.39
N LYS A 111 -8.01 -7.88 2.20
CA LYS A 111 -7.82 -6.44 2.34
C LYS A 111 -6.61 -5.89 1.59
N GLY A 112 -5.62 -6.74 1.34
CA GLY A 112 -4.42 -6.28 0.67
C GLY A 112 -3.66 -7.35 -0.10
N VAL A 113 -2.99 -6.90 -1.14
CA VAL A 113 -2.02 -7.76 -1.86
C VAL A 113 -0.75 -6.97 -2.09
N ALA A 114 0.40 -7.65 -2.05
CA ALA A 114 1.67 -6.96 -2.22
C ALA A 114 2.73 -7.97 -2.61
N TRP A 115 3.62 -7.54 -3.50
CA TRP A 115 4.68 -8.41 -4.04
C TRP A 115 6.05 -8.06 -3.43
N SER A 116 6.88 -9.09 -3.22
CA SER A 116 8.29 -8.84 -2.91
C SER A 116 8.99 -8.26 -4.14
N ASN A 117 10.07 -7.49 -3.96
CA ASN A 117 10.73 -6.86 -5.12
C ASN A 117 11.46 -7.84 -6.04
N ASP A 118 11.80 -9.04 -5.55
CA ASP A 118 12.31 -10.08 -6.50
C ASP A 118 11.21 -10.71 -7.39
N GLY A 119 9.95 -10.42 -7.08
CA GLY A 119 8.82 -10.84 -7.89
C GLY A 119 8.36 -12.26 -7.65
N TYR A 120 8.95 -12.92 -6.66
CA TYR A 120 8.57 -14.31 -6.39
C TYR A 120 7.53 -14.55 -5.32
N TYR A 121 7.27 -13.56 -4.47
CA TYR A 121 6.37 -13.77 -3.35
C TYR A 121 5.26 -12.75 -3.45
N LEU A 122 4.05 -13.24 -3.26
CA LEU A 122 2.87 -12.42 -3.17
C LEU A 122 2.29 -12.66 -1.78
N ALA A 123 2.22 -11.58 -0.98
CA ALA A 123 1.55 -11.60 0.31
C ALA A 123 0.10 -11.15 0.19
N THR A 124 -0.77 -11.79 0.93
CA THR A 124 -2.16 -11.37 0.97
C THR A 124 -2.58 -11.19 2.44
N CYS A 125 -3.50 -10.27 2.71
CA CYS A 125 -3.97 -10.13 4.10
C CYS A 125 -5.46 -9.95 4.10
N SER A 126 -6.03 -10.15 5.28
CA SER A 126 -7.44 -10.43 5.37
C SER A 126 -8.06 -9.94 6.68
N ARG A 127 -9.36 -9.67 6.58
CA ARG A 127 -10.22 -9.53 7.76
C ARG A 127 -10.11 -10.72 8.75
N ASP A 128 -9.64 -11.86 8.26
CA ASP A 128 -9.51 -13.08 9.06
C ASP A 128 -8.29 -13.09 9.99
N LYS A 129 -7.60 -11.96 10.06
CA LYS A 129 -6.47 -11.74 10.98
C LYS A 129 -5.15 -12.35 10.48
N SER A 130 -5.16 -12.94 9.29
CA SER A 130 -3.95 -13.56 8.79
C SER A 130 -3.26 -12.82 7.65
N VAL A 131 -2.02 -13.25 7.42
CA VAL A 131 -1.22 -12.87 6.27
C VAL A 131 -0.76 -14.21 5.67
N TRP A 132 -1.06 -14.39 4.40
CA TRP A 132 -0.60 -15.54 3.62
C TRP A 132 0.56 -15.14 2.71
N ILE A 133 1.53 -16.06 2.57
CA ILE A 133 2.66 -15.86 1.65
C ILE A 133 2.55 -16.91 0.56
N TRP A 134 2.50 -16.45 -0.69
CA TRP A 134 2.41 -17.35 -1.85
C TRP A 134 3.71 -17.19 -2.65
N GLU A 135 4.16 -18.28 -3.29
CA GLU A 135 5.37 -18.20 -4.11
C GLU A 135 5.05 -18.55 -5.56
N THR A 136 5.70 -17.87 -6.49
CA THR A 136 5.58 -18.22 -7.91
C THR A 136 6.96 -18.17 -8.57
N ASP A 137 7.01 -18.46 -9.87
CA ASP A 137 8.30 -18.43 -10.53
C ASP A 137 8.29 -17.30 -11.54
N GLU A 138 9.34 -17.28 -12.37
CA GLU A 138 9.54 -16.30 -13.40
C GLU A 138 8.25 -16.04 -14.17
N SER A 139 7.42 -17.06 -14.33
CA SER A 139 6.28 -16.93 -15.21
C SER A 139 5.04 -16.33 -14.55
N GLY A 140 4.95 -16.40 -13.23
CA GLY A 140 3.76 -15.91 -12.50
C GLY A 140 2.45 -16.65 -12.77
N GLU A 141 2.55 -17.89 -13.23
CA GLU A 141 1.36 -18.67 -13.59
C GLU A 141 0.71 -19.49 -12.46
N GLU A 142 1.51 -20.10 -11.61
CA GLU A 142 1.02 -21.00 -10.55
C GLU A 142 1.48 -20.50 -9.20
N TYR A 143 0.65 -20.67 -8.17
CA TYR A 143 0.94 -20.13 -6.84
C TYR A 143 0.93 -21.23 -5.77
N GLU A 144 2.00 -21.27 -4.98
CA GLU A 144 2.14 -22.23 -3.89
C GLU A 144 2.09 -21.49 -2.56
N CYS A 145 1.22 -21.92 -1.67
CA CYS A 145 1.15 -21.25 -0.37
C CYS A 145 2.27 -21.75 0.49
N ILE A 146 3.18 -20.85 0.88
CA ILE A 146 4.30 -21.35 1.67
C ILE A 146 4.21 -21.05 3.18
N SER A 147 3.41 -20.04 3.53
CA SER A 147 3.18 -19.74 4.94
C SER A 147 1.82 -19.09 5.20
N VAL A 148 1.27 -19.41 6.36
CA VAL A 148 0.00 -18.83 6.82
C VAL A 148 0.28 -18.22 8.18
N LEU A 149 0.21 -16.89 8.25
CA LEU A 149 0.81 -16.14 9.36
C LEU A 149 -0.30 -15.51 10.18
N GLN A 150 -0.48 -16.08 11.36
CA GLN A 150 -1.64 -15.75 12.20
C GLN A 150 -1.16 -15.29 13.56
N GLU A 151 -0.77 -14.02 13.65
CA GLU A 151 -0.37 -13.45 14.95
C GLU A 151 -1.16 -12.22 15.36
N HIS A 152 -1.65 -11.47 14.35
CA HIS A 152 -2.50 -10.31 14.59
C HIS A 152 -3.73 -10.83 15.33
N SER A 153 -4.30 -9.98 16.17
CA SER A 153 -5.48 -10.37 16.91
C SER A 153 -6.77 -9.79 16.34
N GLN A 154 -6.64 -8.95 15.32
CA GLN A 154 -7.77 -8.34 14.57
C GLN A 154 -7.49 -8.25 13.07
N ASP A 155 -8.54 -7.88 12.32
CA ASP A 155 -8.53 -7.52 10.86
C ASP A 155 -7.15 -6.92 10.44
N VAL A 156 -6.48 -7.57 9.50
CA VAL A 156 -5.23 -6.99 8.94
C VAL A 156 -5.56 -6.07 7.73
N LYS A 157 -5.27 -4.78 7.83
CA LYS A 157 -5.65 -3.83 6.77
C LYS A 157 -4.72 -3.76 5.56
N HIS A 158 -3.44 -4.06 5.75
CA HIS A 158 -2.46 -3.67 4.75
C HIS A 158 -1.21 -4.51 4.85
N VAL A 159 -0.60 -4.81 3.69
CA VAL A 159 0.73 -5.46 3.62
C VAL A 159 1.61 -4.69 2.64
N ILE A 160 2.91 -4.62 2.93
CA ILE A 160 3.87 -4.02 2.02
C ILE A 160 5.22 -4.64 2.28
N TRP A 161 5.95 -4.88 1.20
CA TRP A 161 7.33 -5.34 1.35
C TRP A 161 8.35 -4.20 1.28
N HIS A 162 9.49 -4.44 1.94
CA HIS A 162 10.65 -3.57 1.82
C HIS A 162 11.09 -3.48 0.32
N PRO A 163 11.70 -2.35 -0.13
CA PRO A 163 12.05 -2.18 -1.54
C PRO A 163 13.08 -3.19 -2.07
N SER A 164 13.84 -3.80 -1.16
CA SER A 164 15.04 -4.63 -1.52
C SER A 164 15.42 -5.76 -0.55
N GLU A 165 14.64 -5.97 0.50
CA GLU A 165 14.85 -7.13 1.35
C GLU A 165 13.54 -7.90 1.38
N ALA A 166 13.61 -9.20 1.70
CA ALA A 166 12.43 -10.04 1.85
C ALA A 166 11.92 -9.81 3.28
N LEU A 167 11.44 -8.59 3.49
CA LEU A 167 10.88 -8.19 4.78
C LEU A 167 9.50 -7.62 4.49
N LEU A 168 8.53 -7.99 5.32
CA LEU A 168 7.12 -7.70 5.04
C LEU A 168 6.58 -6.98 6.27
N ALA A 169 5.80 -5.94 6.04
CA ALA A 169 5.10 -5.19 7.16
C ALA A 169 3.59 -5.31 6.99
N SER A 170 2.89 -5.72 8.06
CA SER A 170 1.42 -5.80 8.03
C SER A 170 0.88 -4.82 9.04
N SER A 171 -0.23 -4.19 8.72
CA SER A 171 -0.82 -3.16 9.59
C SER A 171 -2.24 -3.58 9.92
N SER A 172 -2.64 -3.40 11.18
CA SER A 172 -3.88 -4.08 11.62
C SER A 172 -4.79 -3.22 12.45
N TYR A 173 -6.04 -3.67 12.52
CA TYR A 173 -7.00 -3.02 13.37
C TYR A 173 -6.66 -3.26 14.84
N ASP A 174 -5.73 -4.20 15.11
CA ASP A 174 -5.27 -4.48 16.48
C ASP A 174 -4.30 -3.41 16.99
N ASP A 175 -4.12 -2.38 16.20
CA ASP A 175 -3.30 -1.17 16.52
C ASP A 175 -1.78 -1.38 16.37
N THR A 176 -1.40 -2.54 15.84
CA THR A 176 0.02 -2.84 15.62
C THR A 176 0.41 -2.95 14.15
N VAL A 177 1.70 -2.72 13.92
CA VAL A 177 2.36 -3.17 12.69
C VAL A 177 3.22 -4.39 13.10
N ARG A 178 3.20 -5.46 12.29
CA ARG A 178 4.08 -6.59 12.51
C ARG A 178 5.06 -6.69 11.35
N ILE A 179 6.28 -7.08 11.69
CA ILE A 179 7.34 -7.26 10.69
C ILE A 179 7.58 -8.74 10.57
N TRP A 180 7.69 -9.25 9.34
CA TRP A 180 7.81 -10.66 9.11
C TRP A 180 9.03 -10.90 8.25
N LYS A 181 9.75 -11.97 8.55
CA LYS A 181 11.02 -12.27 7.86
C LYS A 181 11.11 -13.78 7.76
N ASP A 182 11.83 -14.31 6.76
CA ASP A 182 12.00 -15.77 6.73
C ASP A 182 13.42 -16.20 7.04
N TYR A 183 13.53 -17.40 7.61
CA TYR A 183 14.77 -18.17 7.59
C TYR A 183 14.47 -19.45 6.83
N ASP A 184 14.94 -19.51 5.59
CA ASP A 184 14.69 -20.66 4.69
C ASP A 184 13.19 -20.98 4.62
N ASP A 185 12.40 -20.00 4.21
CA ASP A 185 10.95 -20.12 3.99
C ASP A 185 10.13 -20.36 5.27
N ASP A 186 10.81 -20.50 6.41
CA ASP A 186 10.15 -20.44 7.71
C ASP A 186 9.87 -18.97 8.00
N TRP A 187 8.70 -18.48 7.60
CA TRP A 187 8.28 -17.07 7.85
C TRP A 187 7.75 -16.90 9.25
N GLU A 188 8.25 -15.92 10.00
CA GLU A 188 7.71 -15.66 11.31
C GLU A 188 7.73 -14.19 11.61
N CYS A 189 7.05 -13.80 12.69
CA CYS A 189 6.98 -12.38 13.08
C CYS A 189 8.21 -12.07 13.90
N VAL A 190 9.00 -11.08 13.47
CA VAL A 190 10.24 -10.72 14.17
C VAL A 190 10.13 -9.41 14.95
N ALA A 191 9.01 -8.73 14.77
CA ALA A 191 8.74 -7.54 15.64
C ALA A 191 7.29 -7.13 15.65
N VAL A 192 6.83 -6.61 16.77
CA VAL A 192 5.51 -6.06 16.89
C VAL A 192 5.76 -4.59 17.27
N LEU A 193 5.31 -3.69 16.42
CA LEU A 193 5.44 -2.24 16.59
C LEU A 193 4.20 -1.72 17.33
N ASN A 194 4.38 -1.53 18.64
CA ASN A 194 3.32 -1.16 19.57
C ASN A 194 3.44 0.33 19.82
N GLY A 195 2.34 1.06 19.66
CA GLY A 195 2.31 2.46 20.01
C GLY A 195 1.09 3.22 19.51
N HIS A 196 0.63 2.88 18.30
CA HIS A 196 -0.54 3.59 17.80
C HIS A 196 -1.70 3.25 18.75
N GLU A 197 -2.64 4.18 18.82
CA GLU A 197 -3.82 4.05 19.68
C GLU A 197 -5.09 3.63 18.94
N GLY A 198 -4.98 3.41 17.63
CA GLY A 198 -6.15 2.96 16.89
C GLY A 198 -5.64 2.22 15.68
N THR A 199 -6.57 1.83 14.81
CA THR A 199 -6.23 1.01 13.61
C THR A 199 -5.07 1.60 12.83
N VAL A 200 -4.11 0.73 12.46
CA VAL A 200 -3.06 1.15 11.54
C VAL A 200 -3.54 0.75 10.15
N TRP A 201 -3.71 1.74 9.29
CA TRP A 201 -4.30 1.56 7.95
C TRP A 201 -3.29 1.18 6.91
N SER A 202 -2.07 1.63 7.08
CA SER A 202 -1.00 1.34 6.09
C SER A 202 0.34 1.69 6.65
N SER A 203 1.36 1.14 6.01
CA SER A 203 2.75 1.52 6.32
C SER A 203 3.57 1.52 5.04
N ASP A 204 4.79 2.05 5.11
CA ASP A 204 5.69 2.01 3.91
C ASP A 204 7.09 2.10 4.44
N PHE A 205 8.02 1.34 3.82
CA PHE A 205 9.43 1.40 4.25
C PHE A 205 10.22 2.58 3.70
N ASP A 206 11.21 3.05 4.48
CA ASP A 206 12.14 4.07 4.07
C ASP A 206 12.87 3.50 2.88
N LYS A 207 13.12 4.34 1.88
CA LYS A 207 13.89 3.88 0.70
C LYS A 207 15.39 4.17 0.79
N THR A 208 15.82 4.81 1.88
CA THR A 208 17.25 5.03 2.16
C THR A 208 17.98 3.71 2.24
N GLU A 209 19.15 3.61 1.58
CA GLU A 209 19.95 2.38 1.67
C GLU A 209 20.33 2.13 3.14
N GLY A 210 20.55 0.85 3.49
CA GLY A 210 21.10 0.45 4.80
C GLY A 210 19.98 0.01 5.74
N VAL A 211 20.20 0.27 7.03
CA VAL A 211 19.28 -0.25 8.07
C VAL A 211 17.90 0.38 7.94
N PHE A 212 16.90 -0.33 8.44
CA PHE A 212 15.50 -0.10 8.02
C PHE A 212 14.76 0.93 8.85
N ARG A 213 13.84 1.63 8.20
CA ARG A 213 12.81 2.41 8.95
C ARG A 213 11.48 2.23 8.25
N LEU A 214 10.41 2.59 8.94
CA LEU A 214 9.06 2.41 8.35
C LEU A 214 8.18 3.56 8.83
N CYS A 215 7.28 4.08 7.98
CA CYS A 215 6.26 5.01 8.51
C CYS A 215 4.90 4.35 8.47
N SER A 216 4.05 4.76 9.38
CA SER A 216 2.69 4.15 9.46
C SER A 216 1.65 5.20 9.80
N GLY A 217 0.42 5.00 9.32
CA GLY A 217 -0.62 6.01 9.50
C GLY A 217 -1.83 5.39 10.14
N SER A 218 -2.48 6.08 11.09
CA SER A 218 -3.46 5.46 11.94
C SER A 218 -4.78 6.25 12.12
N ASP A 219 -5.83 5.55 12.58
CA ASP A 219 -7.06 6.15 13.13
C ASP A 219 -6.77 7.18 14.19
N ASP A 220 -5.64 7.03 14.88
CA ASP A 220 -5.29 7.99 15.96
C ASP A 220 -4.85 9.38 15.51
N SER A 221 -4.88 9.64 14.20
CA SER A 221 -4.49 10.93 13.61
C SER A 221 -3.01 11.18 13.52
N THR A 222 -2.21 10.12 13.68
CA THR A 222 -0.79 10.34 13.59
C THR A 222 -0.16 9.51 12.50
N VAL A 223 1.03 9.97 12.10
CA VAL A 223 1.98 9.17 11.26
C VAL A 223 3.19 8.97 12.12
N ARG A 224 3.54 7.71 12.39
CA ARG A 224 4.77 7.39 13.19
C ARG A 224 5.90 6.98 12.26
N VAL A 225 7.14 7.26 12.66
CA VAL A 225 8.30 6.75 11.95
C VAL A 225 8.99 5.82 12.96
N TRP A 226 9.19 4.59 12.52
CA TRP A 226 9.75 3.55 13.35
C TRP A 226 11.15 3.26 12.82
N LYS A 227 12.05 2.91 13.71
CA LYS A 227 13.44 2.66 13.35
C LYS A 227 13.91 1.32 13.90
N TYR A 228 14.52 0.52 13.02
CA TYR A 228 15.15 -0.73 13.45
C TYR A 228 16.42 -0.47 14.28
N MET A 229 16.58 -1.22 15.37
CA MET A 229 17.65 -0.97 16.35
C MET A 229 18.48 -2.25 16.56
N GLY A 230 18.41 -3.17 15.61
CA GLY A 230 19.24 -4.37 15.54
C GLY A 230 18.50 -5.60 16.05
N ASP A 231 19.09 -6.76 15.83
CA ASP A 231 18.49 -8.02 16.28
C ASP A 231 18.79 -8.25 17.75
N ASP A 232 17.86 -8.92 18.46
CA ASP A 232 18.11 -9.31 19.82
C ASP A 232 18.77 -10.70 19.82
N GLU A 233 19.00 -11.23 21.00
CA GLU A 233 19.70 -12.51 21.14
C GLU A 233 18.96 -13.69 20.50
N ASP A 234 17.64 -13.53 20.35
CA ASP A 234 16.77 -14.59 19.84
C ASP A 234 16.49 -14.46 18.35
N ASP A 235 17.16 -13.50 17.70
CA ASP A 235 17.06 -13.29 16.26
C ASP A 235 15.75 -12.56 15.92
N GLN A 236 15.16 -11.93 16.93
CA GLN A 236 14.03 -11.05 16.76
C GLN A 236 14.60 -9.67 16.50
N GLN A 237 13.76 -8.77 16.00
CA GLN A 237 14.22 -7.40 15.70
C GLN A 237 13.73 -6.43 16.72
N GLU A 238 14.62 -5.56 17.17
CA GLU A 238 14.27 -4.49 18.09
C GLU A 238 13.95 -3.27 17.27
N TRP A 239 12.79 -2.68 17.51
CA TRP A 239 12.33 -1.53 16.76
C TRP A 239 11.72 -0.51 17.75
N VAL A 240 11.93 0.80 17.52
CA VAL A 240 11.28 1.84 18.38
C VAL A 240 10.62 2.87 17.48
N CYS A 241 9.61 3.60 17.98
CA CYS A 241 9.04 4.71 17.24
C CYS A 241 9.97 5.90 17.50
N GLU A 242 10.63 6.37 16.45
CA GLU A 242 11.58 7.47 16.65
C GLU A 242 10.98 8.85 16.53
N ALA A 243 9.81 8.98 15.87
CA ALA A 243 9.21 10.30 15.70
C ALA A 243 7.75 10.14 15.45
N ILE A 244 6.97 11.16 15.84
CA ILE A 244 5.59 11.34 15.35
C ILE A 244 5.63 12.61 14.48
N LEU A 245 5.12 12.51 13.24
CA LEU A 245 5.22 13.68 12.32
C LEU A 245 4.36 14.84 12.82
N PRO A 246 4.68 16.06 12.37
CA PRO A 246 3.87 17.22 12.80
C PRO A 246 2.36 17.04 12.53
N ASP A 247 1.53 17.70 13.32
CA ASP A 247 0.06 17.63 13.21
C ASP A 247 -0.39 18.03 11.83
N VAL A 248 -1.24 17.21 11.20
CA VAL A 248 -1.83 17.57 9.90
C VAL A 248 -3.32 17.24 9.86
N HIS A 249 -3.64 15.99 10.17
CA HIS A 249 -4.97 15.41 9.95
C HIS A 249 -5.91 15.50 11.15
N LYS A 250 -7.21 15.66 10.88
CA LYS A 250 -8.28 15.79 11.88
C LYS A 250 -9.38 14.67 12.20
N ARG A 251 -9.20 13.35 12.06
CA ARG A 251 -8.02 12.66 11.78
C ARG A 251 -7.85 11.09 11.61
N GLN A 252 -8.68 10.31 10.89
CA GLN A 252 -8.13 8.99 10.39
C GLN A 252 -7.05 9.26 9.33
N VAL A 253 -5.88 8.64 9.44
CA VAL A 253 -4.88 8.76 8.39
C VAL A 253 -4.95 7.45 7.60
N TYR A 254 -5.56 7.48 6.41
CA TYR A 254 -5.87 6.24 5.72
C TYR A 254 -4.71 5.69 4.88
N ASN A 255 -3.76 6.53 4.51
CA ASN A 255 -2.64 6.03 3.67
C ASN A 255 -1.37 6.87 3.82
N VAL A 256 -0.22 6.21 3.81
CA VAL A 256 1.05 6.89 3.75
C VAL A 256 1.92 6.27 2.68
N ALA A 257 2.85 7.06 2.18
CA ALA A 257 3.79 6.64 1.11
C ALA A 257 5.11 7.34 1.27
N TRP A 258 6.18 6.56 1.22
CA TRP A 258 7.49 7.07 1.48
C TRP A 258 8.24 6.96 0.16
N GLY A 259 8.53 8.12 -0.42
CA GLY A 259 9.14 8.10 -1.76
C GLY A 259 10.63 7.85 -1.76
N PHE A 260 11.16 7.49 -2.95
CA PHE A 260 12.62 7.40 -3.13
C PHE A 260 13.29 8.77 -3.00
N ASN A 261 12.50 9.83 -3.08
CA ASN A 261 12.98 11.18 -2.83
C ASN A 261 13.16 11.51 -1.33
N GLY A 262 12.86 10.54 -0.47
CA GLY A 262 13.01 10.74 0.97
C GLY A 262 11.79 11.32 1.63
N LEU A 263 10.78 11.71 0.84
CA LEU A 263 9.65 12.46 1.39
C LEU A 263 8.51 11.52 1.73
N ILE A 264 7.81 11.80 2.83
CA ILE A 264 6.61 11.03 3.19
C ILE A 264 5.38 11.84 2.73
N ALA A 265 4.40 11.16 2.18
CA ALA A 265 3.06 11.72 1.93
C ALA A 265 2.01 11.02 2.79
N SER A 266 1.04 11.79 3.30
CA SER A 266 -0.09 11.18 4.00
C SER A 266 -1.43 11.73 3.48
N VAL A 267 -2.45 10.90 3.57
CA VAL A 267 -3.83 11.33 3.27
C VAL A 267 -4.81 10.84 4.27
N GLY A 268 -5.88 11.64 4.46
CA GLY A 268 -6.82 11.30 5.49
C GLY A 268 -8.29 11.38 5.14
N ALA A 269 -9.10 10.91 6.08
CA ALA A 269 -10.56 11.05 6.02
C ALA A 269 -10.96 12.51 5.87
N ASP A 270 -10.09 13.39 6.34
CA ASP A 270 -10.36 14.85 6.35
C ASP A 270 -10.13 15.57 5.03
N GLY A 271 -9.65 14.83 4.02
CA GLY A 271 -9.46 15.41 2.71
C GLY A 271 -8.17 16.15 2.52
N VAL A 272 -7.22 15.99 3.46
CA VAL A 272 -5.92 16.65 3.37
C VAL A 272 -4.82 15.72 2.80
N LEU A 273 -4.01 16.28 1.94
CA LEU A 273 -2.77 15.67 1.44
C LEU A 273 -1.60 16.48 1.98
N ALA A 274 -0.73 15.83 2.74
CA ALA A 274 0.46 16.49 3.28
C ALA A 274 1.72 15.77 2.83
N VAL A 275 2.79 16.54 2.71
CA VAL A 275 4.14 16.04 2.42
C VAL A 275 5.06 16.52 3.53
N TYR A 276 5.96 15.64 3.96
CA TYR A 276 6.91 15.91 5.06
C TYR A 276 8.35 15.66 4.62
N GLU A 277 9.27 16.46 5.14
CA GLU A 277 10.67 16.32 4.75
C GLU A 277 11.53 16.25 6.02
N GLU A 278 12.55 15.39 6.03
CA GLU A 278 13.45 15.21 7.16
C GLU A 278 14.74 15.96 6.89
N VAL A 279 15.03 16.95 7.74
CA VAL A 279 16.24 17.75 7.62
C VAL A 279 16.85 17.90 8.99
N ASP A 280 18.15 17.65 9.11
CA ASP A 280 18.86 17.80 10.39
C ASP A 280 18.23 16.99 11.49
N GLY A 281 17.75 15.79 11.14
CA GLY A 281 17.14 14.87 12.10
C GLY A 281 15.75 15.25 12.60
N GLU A 282 15.04 16.11 11.90
CA GLU A 282 13.70 16.50 12.33
C GLU A 282 12.77 16.54 11.14
N TRP A 283 11.50 16.18 11.34
CA TRP A 283 10.51 16.26 10.30
C TRP A 283 9.73 17.58 10.35
N LYS A 284 9.44 18.12 9.16
CA LYS A 284 8.59 19.29 8.99
C LYS A 284 7.62 19.01 7.88
N VAL A 285 6.45 19.64 7.95
CA VAL A 285 5.56 19.68 6.81
C VAL A 285 6.24 20.47 5.69
N PHE A 286 6.49 19.77 4.58
CA PHE A 286 7.06 20.32 3.37
C PHE A 286 5.97 21.08 2.56
N ALA A 287 4.79 20.49 2.45
CA ALA A 287 3.64 21.09 1.74
C ALA A 287 2.36 20.44 2.22
N LYS A 288 1.24 21.13 2.11
CA LYS A 288 -0.07 20.52 2.36
C LYS A 288 -1.20 21.18 1.58
N ARG A 289 -2.27 20.42 1.38
CA ARG A 289 -3.45 20.93 0.65
C ARG A 289 -4.73 20.34 1.20
N ALA A 290 -5.73 21.21 1.43
CA ALA A 290 -7.00 20.82 1.98
C ALA A 290 -7.98 20.56 0.85
N LEU A 291 -9.08 19.85 1.12
CA LEU A 291 -10.14 19.58 0.14
C LEU A 291 -9.61 19.07 -1.19
N CYS A 292 -8.70 18.09 -1.13
CA CYS A 292 -8.09 17.59 -2.35
C CYS A 292 -9.06 16.79 -3.21
N HIS A 293 -10.06 16.18 -2.59
CA HIS A 293 -11.16 15.48 -3.26
C HIS A 293 -12.49 16.13 -2.92
N GLY A 294 -12.49 17.45 -2.91
CA GLY A 294 -13.69 18.20 -2.49
C GLY A 294 -14.06 17.84 -1.08
N VAL A 295 -15.31 17.42 -0.89
CA VAL A 295 -15.83 17.02 0.40
C VAL A 295 -15.52 15.55 0.79
N TYR A 296 -14.80 14.85 -0.09
CA TYR A 296 -14.62 13.39 0.01
C TYR A 296 -13.38 12.90 0.75
N GLU A 297 -13.55 11.77 1.45
CA GLU A 297 -12.45 11.11 2.16
C GLU A 297 -11.43 10.65 1.12
N ILE A 298 -10.14 10.70 1.44
CA ILE A 298 -9.11 10.25 0.52
C ILE A 298 -8.53 8.95 1.08
N ASN A 299 -8.41 7.91 0.24
CA ASN A 299 -8.12 6.56 0.77
C ASN A 299 -6.71 6.10 0.47
N VAL A 300 -6.12 6.67 -0.56
CA VAL A 300 -4.85 6.14 -1.11
C VAL A 300 -3.99 7.21 -1.72
N VAL A 301 -2.67 7.07 -1.56
CA VAL A 301 -1.69 7.98 -2.12
C VAL A 301 -0.45 7.23 -2.57
N LYS A 302 0.12 7.62 -3.71
CA LYS A 302 1.36 7.03 -4.22
C LYS A 302 2.26 8.07 -4.86
N TRP A 303 3.56 7.88 -4.78
CA TRP A 303 4.56 8.70 -5.43
C TRP A 303 4.85 8.03 -6.75
N LEU A 304 4.80 8.80 -7.84
CA LEU A 304 4.91 8.19 -9.19
C LEU A 304 6.24 8.51 -9.84
N THR A 310 9.14 13.26 -10.25
CA THR A 310 8.15 12.48 -9.48
C THR A 310 6.94 13.30 -8.98
N ILE A 311 5.74 12.70 -9.10
CA ILE A 311 4.45 13.36 -8.80
C ILE A 311 3.59 12.53 -7.81
N LEU A 312 2.45 13.08 -7.38
CA LEU A 312 1.62 12.35 -6.42
C LEU A 312 0.29 11.95 -7.05
N ALA A 313 -0.15 10.75 -6.79
CA ALA A 313 -1.52 10.39 -7.10
C ALA A 313 -2.33 10.15 -5.84
N THR A 314 -3.57 10.67 -5.82
CA THR A 314 -4.48 10.42 -4.73
C THR A 314 -5.77 9.85 -5.23
N GLY A 315 -6.31 8.89 -4.50
CA GLY A 315 -7.60 8.25 -4.77
C GLY A 315 -8.63 8.41 -3.66
N GLY A 316 -9.84 8.85 -4.04
CA GLY A 316 -10.83 9.28 -3.06
C GLY A 316 -12.20 8.66 -3.21
N ASP A 317 -13.10 8.97 -2.26
CA ASP A 317 -14.42 8.36 -2.18
C ASP A 317 -15.32 8.81 -3.34
N ASP A 318 -14.84 9.79 -4.10
CA ASP A 318 -15.60 10.34 -5.27
C ASP A 318 -15.28 9.64 -6.58
N GLY A 319 -14.44 8.61 -6.54
CA GLY A 319 -14.13 7.84 -7.75
C GLY A 319 -13.15 8.51 -8.68
N ILE A 320 -12.44 9.51 -8.17
CA ILE A 320 -11.48 10.27 -8.91
C ILE A 320 -10.05 9.91 -8.49
N VAL A 321 -9.15 9.84 -9.47
CA VAL A 321 -7.73 9.90 -9.17
C VAL A 321 -7.22 11.29 -9.53
N ASN A 322 -6.83 12.05 -8.52
CA ASN A 322 -6.16 13.31 -8.79
C ASN A 322 -4.65 13.13 -8.87
N PHE A 323 -4.04 13.79 -9.85
CA PHE A 323 -2.60 13.75 -10.05
C PHE A 323 -2.08 15.12 -9.74
N TRP A 324 -1.10 15.17 -8.84
CA TRP A 324 -0.59 16.43 -8.33
C TRP A 324 0.89 16.57 -8.59
N SER A 325 1.31 17.79 -8.84
CA SER A 325 2.70 18.12 -8.98
C SER A 325 3.21 18.79 -7.73
N LEU A 326 4.49 18.59 -7.43
CA LEU A 326 5.09 19.18 -6.25
C LEU A 326 6.11 20.25 -6.61
#